data_4PH1
#
_entry.id   4PH1
#
_cell.length_a   47.707
_cell.length_b   52.877
_cell.length_c   90.873
_cell.angle_alpha   90.000
_cell.angle_beta   90.000
_cell.angle_gamma   90.000
#
_symmetry.space_group_name_H-M   'P 21 21 21'
#
loop_
_entity.id
_entity.type
_entity.pdbx_description
1 polymer 'BLV capsid'
2 water water
#
_entity_poly.entity_id   1
_entity_poly.type   'polypeptide(L)'
_entity_poly.pdbx_seq_one_letter_code
;GSHMASSVQPWSTIVQGPAESYVEFVNRLQISLADNLPDGVPKEPIIDSLSYANANKECQQILQGRGLVAAPVGQKLQAC
AHWAPKVKQPAVL
;
_entity_poly.pdbx_strand_id   A,B,C
#
# COMPACT_ATOMS: atom_id res chain seq x y z
N SER A 7 -13.83 30.14 -4.66
CA SER A 7 -14.78 29.64 -3.66
C SER A 7 -14.12 28.52 -2.85
N VAL A 8 -13.63 27.46 -3.54
CA VAL A 8 -12.93 26.35 -2.86
C VAL A 8 -11.52 26.20 -3.46
N GLN A 9 -10.57 25.68 -2.66
CA GLN A 9 -9.21 25.41 -3.12
C GLN A 9 -9.30 24.20 -4.07
N PRO A 10 -8.51 24.13 -5.17
CA PRO A 10 -8.76 23.07 -6.16
C PRO A 10 -8.75 21.62 -5.72
N TRP A 11 -7.88 21.28 -4.77
CA TRP A 11 -7.78 19.92 -4.25
C TRP A 11 -8.95 19.50 -3.34
N SER A 12 -9.68 20.50 -2.77
CA SER A 12 -10.83 20.27 -1.89
C SER A 12 -11.91 19.40 -2.55
N THR A 13 -12.08 19.51 -3.89
CA THR A 13 -13.07 18.74 -4.65
C THR A 13 -12.58 17.33 -5.03
N ILE A 14 -11.29 16.96 -4.74
CA ILE A 14 -10.76 15.62 -5.04
C ILE A 14 -11.29 14.63 -3.99
N VAL A 15 -12.33 13.87 -4.36
CA VAL A 15 -13.01 12.94 -3.48
C VAL A 15 -12.90 11.55 -4.07
N GLN A 16 -12.58 10.56 -3.24
CA GLN A 16 -12.46 9.18 -3.67
C GLN A 16 -13.80 8.64 -4.14
N GLY A 17 -13.85 8.24 -5.41
CA GLY A 17 -15.04 7.66 -6.00
C GLY A 17 -15.51 6.39 -5.32
N PRO A 18 -16.82 6.04 -5.45
CA PRO A 18 -17.32 4.81 -4.81
C PRO A 18 -16.60 3.55 -5.25
N ALA A 19 -16.10 3.52 -6.52
CA ALA A 19 -15.36 2.39 -7.08
C ALA A 19 -13.88 2.74 -7.40
N GLU A 20 -13.38 3.87 -6.87
CA GLU A 20 -12.00 4.29 -7.11
C GLU A 20 -11.09 3.80 -5.98
N SER A 21 -9.95 3.18 -6.37
CA SER A 21 -8.97 2.66 -5.40
C SER A 21 -8.35 3.78 -4.59
N TYR A 22 -7.95 3.47 -3.36
CA TYR A 22 -7.32 4.45 -2.47
C TYR A 22 -6.05 5.06 -3.06
N VAL A 23 -5.20 4.24 -3.70
CA VAL A 23 -3.94 4.71 -4.35
C VAL A 23 -4.22 5.75 -5.41
N GLU A 24 -5.20 5.46 -6.31
CA GLU A 24 -5.60 6.34 -7.40
C GLU A 24 -6.19 7.64 -6.91
N PHE A 25 -6.90 7.59 -5.77
CA PHE A 25 -7.47 8.78 -5.14
C PHE A 25 -6.32 9.64 -4.58
N VAL A 26 -5.36 9.00 -3.88
CA VAL A 26 -4.18 9.67 -3.30
C VAL A 26 -3.33 10.29 -4.39
N ASN A 27 -3.18 9.57 -5.51
CA ASN A 27 -2.43 10.02 -6.67
C ASN A 27 -3.05 11.28 -7.25
N ARG A 28 -4.38 11.26 -7.45
CA ARG A 28 -5.16 12.39 -7.97
C ARG A 28 -4.98 13.62 -7.11
N LEU A 29 -4.99 13.40 -5.80
CA LEU A 29 -4.80 14.42 -4.79
C LEU A 29 -3.37 14.99 -4.85
N GLN A 30 -2.35 14.10 -5.05
CA GLN A 30 -0.96 14.50 -5.16
C GLN A 30 -0.70 15.36 -6.42
N ILE A 31 -1.41 15.06 -7.55
CA ILE A 31 -1.40 15.82 -8.81
C ILE A 31 -2.01 17.21 -8.61
N SER A 32 -3.19 17.26 -7.98
CA SER A 32 -3.90 18.52 -7.70
C SER A 32 -3.00 19.47 -6.89
N LEU A 33 -2.35 18.96 -5.85
CA LEU A 33 -1.49 19.74 -4.97
C LEU A 33 -0.22 20.19 -5.66
N ALA A 34 0.44 19.30 -6.40
CA ALA A 34 1.67 19.61 -7.15
C ALA A 34 1.41 20.70 -8.17
N ASP A 35 0.22 20.70 -8.80
CA ASP A 35 -0.19 21.69 -9.80
C ASP A 35 -0.62 23.06 -9.23
N ASN A 36 -1.21 23.11 -7.99
CA ASN A 36 -1.78 24.33 -7.39
C ASN A 36 -1.18 24.89 -6.09
N PRO A 42 3.44 23.63 1.75
CA PRO A 42 3.77 22.29 2.27
C PRO A 42 2.73 21.24 1.90
N LYS A 43 3.11 20.23 1.11
CA LYS A 43 2.15 19.22 0.68
C LYS A 43 1.75 18.21 1.75
N GLU A 44 2.71 17.77 2.59
CA GLU A 44 2.48 16.74 3.62
C GLU A 44 1.31 16.96 4.57
N PRO A 45 1.21 18.09 5.33
CA PRO A 45 0.03 18.28 6.19
C PRO A 45 -1.31 18.25 5.46
N ILE A 46 -1.35 18.70 4.17
CA ILE A 46 -2.58 18.68 3.36
C ILE A 46 -2.95 17.27 2.88
N ILE A 47 -1.96 16.45 2.37
CA ILE A 47 -2.22 15.06 1.94
C ILE A 47 -2.64 14.21 3.13
N ASP A 48 -1.95 14.35 4.29
CA ASP A 48 -2.23 13.59 5.52
C ASP A 48 -3.65 13.83 6.09
N SER A 49 -4.18 15.05 5.93
CA SER A 49 -5.54 15.39 6.35
C SER A 49 -6.56 14.94 5.30
N LEU A 50 -6.47 15.46 4.06
CA LEU A 50 -7.42 15.13 2.99
C LEU A 50 -7.50 13.65 2.60
N SER A 51 -6.39 12.90 2.66
CA SER A 51 -6.38 11.44 2.35
C SER A 51 -7.30 10.66 3.32
N TYR A 52 -7.65 11.25 4.49
CA TYR A 52 -8.67 10.69 5.37
C TYR A 52 -10.07 11.31 5.00
N ALA A 53 -10.22 12.62 5.20
CA ALA A 53 -11.45 13.39 5.01
C ALA A 53 -12.11 13.20 3.67
N ASN A 54 -11.33 13.18 2.57
CA ASN A 54 -11.85 13.05 1.21
C ASN A 54 -12.03 11.63 0.70
N ALA A 55 -11.53 10.64 1.48
CA ALA A 55 -11.68 9.21 1.18
C ALA A 55 -13.16 8.78 1.33
N ASN A 56 -13.55 7.70 0.63
CA ASN A 56 -14.94 7.22 0.70
C ASN A 56 -15.23 6.57 2.08
N LYS A 57 -16.53 6.32 2.39
CA LYS A 57 -17.01 5.72 3.65
C LYS A 57 -16.19 4.50 4.04
N GLU A 58 -16.07 3.55 3.11
CA GLU A 58 -15.36 2.27 3.23
C GLU A 58 -13.89 2.41 3.69
N CYS A 59 -13.10 3.31 3.05
CA CYS A 59 -11.69 3.53 3.39
C CYS A 59 -11.51 4.37 4.65
N GLN A 60 -12.48 5.26 4.93
CA GLN A 60 -12.46 6.05 6.16
C GLN A 60 -12.72 5.11 7.31
N GLN A 61 -13.62 4.14 7.12
CA GLN A 61 -13.94 3.13 8.11
C GLN A 61 -12.73 2.25 8.47
N ILE A 62 -11.89 1.90 7.45
CA ILE A 62 -10.64 1.13 7.63
C ILE A 62 -9.69 1.95 8.51
N LEU A 63 -9.46 3.24 8.16
CA LEU A 63 -8.53 4.10 8.89
C LEU A 63 -8.96 4.37 10.31
N GLN A 64 -10.29 4.46 10.56
CA GLN A 64 -10.83 4.66 11.92
C GLN A 64 -10.59 3.43 12.78
N GLY A 65 -10.92 2.25 12.23
CA GLY A 65 -10.78 0.97 12.91
C GLY A 65 -9.36 0.61 13.25
N ARG A 66 -8.41 0.94 12.38
CA ARG A 66 -6.99 0.62 12.59
C ARG A 66 -6.32 1.77 13.34
N GLY A 67 -7.04 2.88 13.52
CA GLY A 67 -6.54 4.07 14.20
C GLY A 67 -5.43 4.77 13.43
N LEU A 68 -5.61 4.87 12.07
CA LEU A 68 -4.63 5.52 11.18
C LEU A 68 -5.15 6.83 10.58
N VAL A 69 -6.10 7.49 11.25
CA VAL A 69 -6.70 8.77 10.81
C VAL A 69 -5.63 9.85 10.65
N ALA A 70 -4.70 9.91 11.58
CA ALA A 70 -3.61 10.86 11.65
C ALA A 70 -2.27 10.33 11.11
N ALA A 71 -2.23 9.07 10.66
CA ALA A 71 -1.01 8.43 10.17
C ALA A 71 -0.52 9.05 8.86
N PRO A 72 0.80 9.03 8.55
CA PRO A 72 1.26 9.57 7.26
C PRO A 72 0.61 8.78 6.11
N VAL A 73 0.31 9.46 5.00
CA VAL A 73 -0.33 8.88 3.82
C VAL A 73 0.18 7.49 3.39
N GLY A 74 1.51 7.25 3.50
CA GLY A 74 2.14 5.97 3.19
C GLY A 74 1.55 4.81 3.95
N GLN A 75 1.27 5.01 5.25
CA GLN A 75 0.67 4.01 6.15
C GLN A 75 -0.80 3.81 5.81
N LYS A 76 -1.49 4.90 5.46
CA LYS A 76 -2.89 4.90 5.06
C LYS A 76 -3.04 4.07 3.77
N LEU A 77 -2.10 4.27 2.82
CA LEU A 77 -2.01 3.57 1.52
C LEU A 77 -1.86 2.07 1.76
N GLN A 78 -0.93 1.69 2.63
CA GLN A 78 -0.65 0.32 3.05
C GLN A 78 -1.90 -0.35 3.64
N ALA A 79 -2.64 0.37 4.52
CA ALA A 79 -3.88 -0.12 5.15
C ALA A 79 -5.04 -0.33 4.19
N CYS A 80 -5.20 0.58 3.19
CA CYS A 80 -6.28 0.52 2.22
C CYS A 80 -5.94 -0.20 0.89
N ALA A 81 -4.71 -0.71 0.74
CA ALA A 81 -4.22 -1.41 -0.45
C ALA A 81 -5.03 -2.64 -0.85
N HIS A 82 -5.78 -3.23 0.11
CA HIS A 82 -6.59 -4.42 -0.12
C HIS A 82 -8.09 -4.15 -0.18
N TRP A 83 -8.45 -2.86 -0.14
CA TRP A 83 -9.84 -2.47 -0.31
C TRP A 83 -10.15 -2.51 -1.82
N ALA A 84 -11.20 -3.30 -2.19
CA ALA A 84 -11.68 -3.46 -3.55
C ALA A 84 -13.19 -3.28 -3.55
N GLN B 9 15.33 15.09 -22.08
CA GLN B 9 14.26 14.37 -21.39
C GLN B 9 14.54 14.19 -19.85
N PRO B 10 14.42 15.28 -19.06
CA PRO B 10 14.60 15.24 -17.59
C PRO B 10 13.97 14.09 -16.82
N TRP B 11 12.82 13.58 -17.28
CA TRP B 11 12.09 12.50 -16.63
C TRP B 11 12.77 11.14 -16.78
N SER B 12 13.62 10.96 -17.81
CA SER B 12 14.30 9.69 -18.07
C SER B 12 15.15 9.21 -16.89
N THR B 13 15.75 10.16 -16.14
CA THR B 13 16.60 9.85 -14.98
C THR B 13 15.80 9.58 -13.70
N ILE B 14 14.47 9.78 -13.73
CA ILE B 14 13.69 9.56 -12.52
C ILE B 14 13.47 8.06 -12.31
N VAL B 15 14.15 7.52 -11.28
CA VAL B 15 14.17 6.11 -10.93
C VAL B 15 13.73 5.92 -9.51
N GLN B 16 12.89 4.91 -9.25
CA GLN B 16 12.39 4.60 -7.92
C GLN B 16 13.53 4.15 -7.00
N GLY B 17 13.74 4.90 -5.92
CA GLY B 17 14.77 4.60 -4.94
C GLY B 17 14.57 3.26 -4.25
N PRO B 18 15.65 2.64 -3.71
CA PRO B 18 15.49 1.35 -3.01
C PRO B 18 14.51 1.37 -1.83
N ALA B 19 14.37 2.53 -1.17
CA ALA B 19 13.45 2.74 -0.05
C ALA B 19 12.33 3.75 -0.37
N GLU B 20 12.12 4.05 -1.66
CA GLU B 20 11.06 4.99 -2.07
C GLU B 20 9.79 4.22 -2.48
N SER B 21 8.62 4.63 -1.94
CA SER B 21 7.33 4.01 -2.26
C SER B 21 6.99 4.19 -3.75
N TYR B 22 6.24 3.24 -4.32
CA TYR B 22 5.83 3.30 -5.71
C TYR B 22 5.02 4.56 -6.04
N VAL B 23 4.08 4.97 -5.17
CA VAL B 23 3.26 6.18 -5.35
C VAL B 23 4.14 7.42 -5.46
N GLU B 24 5.11 7.57 -4.55
CA GLU B 24 6.04 8.70 -4.51
C GLU B 24 6.95 8.75 -5.74
N PHE B 25 7.30 7.58 -6.28
CA PHE B 25 8.09 7.48 -7.49
C PHE B 25 7.23 7.94 -8.68
N VAL B 26 5.96 7.47 -8.75
CA VAL B 26 5.02 7.81 -9.81
C VAL B 26 4.72 9.32 -9.76
N ASN B 27 4.61 9.88 -8.54
CA ASN B 27 4.38 11.30 -8.30
C ASN B 27 5.54 12.13 -8.84
N ARG B 28 6.78 11.74 -8.53
CA ARG B 28 8.00 12.38 -8.99
C ARG B 28 8.07 12.36 -10.54
N LEU B 29 7.70 11.24 -11.13
CA LEU B 29 7.69 11.07 -12.57
C LEU B 29 6.62 11.98 -13.20
N GLN B 30 5.40 12.05 -12.58
CA GLN B 30 4.27 12.89 -13.02
C GLN B 30 4.56 14.39 -12.95
N ILE B 31 5.19 14.85 -11.86
CA ILE B 31 5.59 16.25 -11.68
C ILE B 31 6.56 16.65 -12.80
N SER B 32 7.63 15.87 -13.00
CA SER B 32 8.66 16.10 -14.01
C SER B 32 8.09 16.22 -15.42
N LEU B 33 7.07 15.40 -15.77
CA LEU B 33 6.41 15.48 -17.07
C LEU B 33 5.56 16.72 -17.17
N ALA B 34 4.78 17.03 -16.12
CA ALA B 34 3.94 18.22 -16.04
C ALA B 34 4.78 19.51 -16.16
N ASP B 35 5.99 19.49 -15.56
CA ASP B 35 6.93 20.61 -15.56
C ASP B 35 7.75 20.77 -16.85
N ASN B 36 8.09 19.67 -17.56
CA ASN B 36 8.97 19.70 -18.73
C ASN B 36 8.40 19.24 -20.08
N LEU B 37 7.45 18.29 -20.06
CA LEU B 37 6.81 17.72 -21.26
C LEU B 37 5.88 18.76 -21.93
N PRO B 38 6.05 19.05 -23.25
CA PRO B 38 5.18 20.03 -23.92
C PRO B 38 3.81 19.45 -24.31
N VAL B 41 1.40 17.03 -26.35
CA VAL B 41 2.09 15.74 -26.42
C VAL B 41 1.54 14.79 -25.32
N PRO B 42 1.08 13.55 -25.72
CA PRO B 42 0.52 12.61 -24.73
C PRO B 42 1.51 12.11 -23.67
N LYS B 43 1.15 12.28 -22.39
CA LYS B 43 1.95 11.86 -21.24
C LYS B 43 1.87 10.35 -20.98
N GLU B 44 0.69 9.76 -21.29
CA GLU B 44 0.35 8.35 -21.09
C GLU B 44 1.38 7.31 -21.58
N PRO B 45 1.77 7.25 -22.88
CA PRO B 45 2.77 6.25 -23.29
C PRO B 45 4.08 6.33 -22.53
N ILE B 46 4.46 7.56 -22.12
CA ILE B 46 5.68 7.80 -21.36
C ILE B 46 5.57 7.32 -19.91
N ILE B 47 4.54 7.77 -19.16
CA ILE B 47 4.36 7.29 -17.76
C ILE B 47 4.24 5.75 -17.69
N ASP B 48 3.47 5.14 -18.61
CA ASP B 48 3.19 3.70 -18.65
C ASP B 48 4.43 2.82 -18.88
N SER B 49 5.38 3.30 -19.68
CA SER B 49 6.58 2.52 -19.95
C SER B 49 7.60 2.69 -18.80
N LEU B 50 7.88 3.95 -18.45
CA LEU B 50 8.83 4.31 -17.40
C LEU B 50 8.41 3.86 -16.02
N SER B 51 7.08 3.87 -15.72
CA SER B 51 6.51 3.38 -14.45
C SER B 51 6.94 1.94 -14.15
N TYR B 52 7.37 1.18 -15.17
CA TYR B 52 7.92 -0.17 -15.00
C TYR B 52 9.46 -0.14 -15.15
N ALA B 53 9.93 0.30 -16.32
CA ALA B 53 11.34 0.38 -16.73
C ALA B 53 12.19 1.12 -15.72
N ASN B 54 11.61 2.09 -15.02
CA ASN B 54 12.32 2.91 -14.04
C ASN B 54 11.96 2.66 -12.58
N ALA B 55 11.19 1.60 -12.29
CA ALA B 55 10.81 1.23 -10.93
C ALA B 55 11.90 0.32 -10.35
N ASN B 56 11.88 0.07 -9.04
CA ASN B 56 12.92 -0.78 -8.44
C ASN B 56 12.68 -2.27 -8.65
N LYS B 57 13.70 -3.13 -8.40
CA LYS B 57 13.62 -4.60 -8.56
C LYS B 57 12.34 -5.18 -7.92
N GLU B 58 12.11 -4.85 -6.63
CA GLU B 58 10.97 -5.28 -5.80
C GLU B 58 9.60 -5.01 -6.42
N CYS B 59 9.37 -3.77 -6.87
CA CYS B 59 8.11 -3.38 -7.50
C CYS B 59 7.97 -3.87 -8.94
N GLN B 60 9.10 -4.06 -9.64
CA GLN B 60 9.10 -4.62 -10.98
C GLN B 60 8.72 -6.11 -10.86
N GLN B 61 9.23 -6.79 -9.80
CA GLN B 61 8.93 -8.20 -9.51
C GLN B 61 7.44 -8.39 -9.26
N ILE B 62 6.78 -7.40 -8.59
CA ILE B 62 5.33 -7.41 -8.31
C ILE B 62 4.58 -7.33 -9.62
N LEU B 63 5.00 -6.38 -10.48
CA LEU B 63 4.39 -6.15 -11.77
C LEU B 63 4.54 -7.33 -12.71
N GLN B 64 5.69 -7.98 -12.70
CA GLN B 64 5.93 -9.18 -13.52
C GLN B 64 5.00 -10.33 -13.09
N GLY B 65 4.90 -10.56 -11.78
CA GLY B 65 4.06 -11.60 -11.20
C GLY B 65 2.58 -11.41 -11.48
N ARG B 66 2.12 -10.14 -11.42
CA ARG B 66 0.72 -9.77 -11.69
C ARG B 66 0.46 -9.57 -13.19
N GLY B 67 1.52 -9.71 -14.02
CA GLY B 67 1.47 -9.52 -15.47
C GLY B 67 0.98 -8.12 -15.86
N LEU B 68 1.47 -7.09 -15.11
CA LEU B 68 1.10 -5.68 -15.29
C LEU B 68 2.28 -4.81 -15.74
N VAL B 69 3.32 -5.45 -16.34
CA VAL B 69 4.52 -4.81 -16.86
C VAL B 69 4.21 -3.64 -17.78
N ALA B 70 3.21 -3.82 -18.70
CA ALA B 70 2.78 -2.79 -19.64
C ALA B 70 1.35 -2.26 -19.42
N ALA B 71 0.76 -2.56 -18.25
CA ALA B 71 -0.56 -2.08 -17.82
C ALA B 71 -0.54 -0.56 -17.56
N PRO B 72 -1.70 0.15 -17.69
CA PRO B 72 -1.72 1.60 -17.37
C PRO B 72 -1.26 1.86 -15.92
N VAL B 73 -0.54 2.97 -15.70
CA VAL B 73 -0.01 3.35 -14.39
C VAL B 73 -0.97 3.17 -13.17
N GLY B 74 -2.25 3.44 -13.37
CA GLY B 74 -3.29 3.25 -12.36
C GLY B 74 -3.36 1.83 -11.81
N GLN B 75 -3.23 0.84 -12.71
CA GLN B 75 -3.27 -0.57 -12.38
C GLN B 75 -1.97 -0.97 -11.66
N LYS B 76 -0.84 -0.38 -12.12
CA LYS B 76 0.48 -0.59 -11.53
C LYS B 76 0.50 -0.09 -10.09
N LEU B 77 -0.09 1.11 -9.86
CA LEU B 77 -0.23 1.78 -8.58
C LEU B 77 -1.00 0.87 -7.62
N GLN B 78 -2.15 0.32 -8.07
CA GLN B 78 -3.04 -0.59 -7.36
C GLN B 78 -2.27 -1.83 -6.91
N ALA B 79 -1.45 -2.42 -7.81
CA ALA B 79 -0.63 -3.60 -7.55
C ALA B 79 0.50 -3.38 -6.55
N CYS B 80 1.17 -2.22 -6.59
CA CYS B 80 2.31 -1.87 -5.73
C CYS B 80 1.96 -1.10 -4.45
N ALA B 81 0.69 -0.79 -4.26
CA ALA B 81 0.18 0.00 -3.13
C ALA B 81 0.56 -0.54 -1.73
N HIS B 82 0.75 -1.87 -1.58
CA HIS B 82 1.15 -2.53 -0.33
C HIS B 82 2.69 -2.52 -0.16
N TRP B 83 3.46 -2.47 -1.26
CA TRP B 83 4.93 -2.53 -1.15
C TRP B 83 5.48 -1.49 -0.24
N ALA B 84 6.14 -1.94 0.83
CA ALA B 84 6.72 -1.06 1.81
C ALA B 84 8.23 -1.12 1.93
N PRO B 85 8.87 0.02 1.57
CA PRO B 85 10.33 0.14 1.73
C PRO B 85 10.84 -0.19 3.11
N LYS B 86 12.13 -0.59 3.23
CA LYS B 86 12.77 -0.93 4.50
C LYS B 86 13.38 0.32 5.09
N SER C 7 2.61 8.41 13.22
CA SER C 7 3.18 7.25 12.53
C SER C 7 3.31 5.99 13.42
N VAL C 8 3.04 4.79 12.84
CA VAL C 8 3.12 3.49 13.53
C VAL C 8 4.39 2.71 13.08
N GLN C 9 4.70 1.56 13.76
CA GLN C 9 5.82 0.66 13.42
C GLN C 9 5.50 0.05 12.06
N PRO C 10 6.48 -0.19 11.16
CA PRO C 10 6.10 -0.59 9.78
C PRO C 10 5.18 -1.79 9.58
N TRP C 11 5.35 -2.82 10.42
CA TRP C 11 4.58 -4.05 10.33
C TRP C 11 3.15 -3.89 10.83
N SER C 12 2.87 -2.85 11.63
CA SER C 12 1.55 -2.57 12.19
C SER C 12 0.46 -2.38 11.14
N THR C 13 0.83 -1.88 9.94
CA THR C 13 -0.11 -1.70 8.85
C THR C 13 -0.41 -2.97 8.05
N ILE C 14 0.35 -4.07 8.31
CA ILE C 14 0.19 -5.35 7.63
C ILE C 14 -1.03 -6.08 8.18
N VAL C 15 -2.16 -5.98 7.45
CA VAL C 15 -3.42 -6.61 7.81
C VAL C 15 -3.84 -7.52 6.66
N GLN C 16 -4.31 -8.75 7.00
CA GLN C 16 -4.75 -9.71 5.99
C GLN C 16 -5.96 -9.20 5.25
N GLY C 17 -5.82 -9.05 3.93
CA GLY C 17 -6.89 -8.59 3.06
C GLY C 17 -8.10 -9.51 3.05
N PRO C 18 -9.31 -9.01 2.66
CA PRO C 18 -10.50 -9.89 2.62
C PRO C 18 -10.35 -11.09 1.68
N ALA C 19 -9.55 -10.92 0.59
CA ALA C 19 -9.30 -11.97 -0.40
C ALA C 19 -7.82 -12.42 -0.42
N GLU C 20 -7.05 -12.06 0.64
CA GLU C 20 -5.65 -12.42 0.73
C GLU C 20 -5.51 -13.71 1.55
N SER C 21 -4.75 -14.69 1.00
CA SER C 21 -4.49 -15.96 1.65
C SER C 21 -3.69 -15.77 2.93
N TYR C 22 -3.92 -16.64 3.91
CA TYR C 22 -3.21 -16.59 5.19
C TYR C 22 -1.68 -16.65 5.02
N VAL C 23 -1.17 -17.54 4.12
CA VAL C 23 0.27 -17.69 3.84
C VAL C 23 0.87 -16.37 3.38
N GLU C 24 0.23 -15.72 2.38
CA GLU C 24 0.67 -14.45 1.80
C GLU C 24 0.66 -13.32 2.82
N PHE C 25 -0.31 -13.34 3.76
CA PHE C 25 -0.38 -12.37 4.83
C PHE C 25 0.80 -12.59 5.80
N VAL C 26 1.05 -13.85 6.20
CA VAL C 26 2.15 -14.24 7.09
C VAL C 26 3.51 -13.90 6.44
N ASN C 27 3.62 -14.11 5.13
CA ASN C 27 4.82 -13.81 4.36
C ASN C 27 5.13 -12.33 4.39
N ARG C 28 4.09 -11.50 4.14
CA ARG C 28 4.17 -10.04 4.16
C ARG C 28 4.64 -9.53 5.52
N LEU C 29 4.09 -10.13 6.59
CA LEU C 29 4.39 -9.86 7.99
C LEU C 29 5.86 -10.23 8.28
N GLN C 30 6.28 -11.43 7.85
CA GLN C 30 7.62 -11.92 8.05
C GLN C 30 8.69 -11.09 7.41
N ILE C 31 8.48 -10.71 6.15
CA ILE C 31 9.42 -9.85 5.43
C ILE C 31 9.65 -8.54 6.19
N SER C 32 8.54 -7.84 6.52
CA SER C 32 8.53 -6.56 7.25
C SER C 32 9.30 -6.61 8.54
N LEU C 33 9.10 -7.68 9.30
CA LEU C 33 9.80 -7.82 10.57
C LEU C 33 11.30 -8.09 10.36
N ALA C 34 11.64 -8.98 9.40
CA ALA C 34 13.02 -9.31 9.07
C ALA C 34 13.77 -8.03 8.61
N ASP C 35 13.06 -7.15 7.86
CA ASP C 35 13.60 -5.90 7.34
C ASP C 35 13.71 -4.76 8.35
N ASN C 36 12.77 -4.66 9.33
CA ASN C 36 12.68 -3.53 10.27
C ASN C 36 12.95 -3.75 11.75
N LEU C 37 12.89 -4.99 12.22
CA LEU C 37 13.21 -5.31 13.60
C LEU C 37 14.74 -5.32 13.71
N PRO C 38 15.35 -4.89 14.86
CA PRO C 38 16.83 -4.88 14.96
C PRO C 38 17.48 -6.27 14.95
N ASP C 39 18.76 -6.33 14.49
CA ASP C 39 19.62 -7.51 14.26
C ASP C 39 19.38 -8.84 15.02
N GLY C 40 19.69 -8.86 16.32
CA GLY C 40 19.57 -10.04 17.16
C GLY C 40 18.30 -10.15 17.99
N VAL C 41 17.25 -9.36 17.62
CA VAL C 41 15.98 -9.33 18.35
C VAL C 41 14.99 -10.41 17.82
N PRO C 42 14.44 -11.29 18.70
CA PRO C 42 13.52 -12.34 18.25
C PRO C 42 12.22 -11.84 17.62
N LYS C 43 11.97 -12.26 16.38
CA LYS C 43 10.79 -11.92 15.57
C LYS C 43 9.57 -12.75 15.99
N GLU C 44 9.81 -13.98 16.50
CA GLU C 44 8.82 -14.96 16.92
C GLU C 44 7.69 -14.45 17.81
N PRO C 45 7.91 -13.80 18.99
CA PRO C 45 6.77 -13.27 19.75
C PRO C 45 5.91 -12.26 18.97
N ILE C 46 6.51 -11.42 18.07
CA ILE C 46 5.74 -10.44 17.29
C ILE C 46 4.89 -11.10 16.20
N ILE C 47 5.47 -12.10 15.49
CA ILE C 47 4.80 -12.82 14.44
C ILE C 47 3.63 -13.54 15.05
N ASP C 48 3.92 -14.40 16.03
CA ASP C 48 2.95 -15.25 16.72
C ASP C 48 1.73 -14.47 17.27
N SER C 49 1.91 -13.20 17.71
CA SER C 49 0.82 -12.33 18.14
C SER C 49 0.08 -11.72 16.92
N LEU C 50 0.78 -10.98 16.04
CA LEU C 50 0.20 -10.34 14.86
C LEU C 50 -0.43 -11.29 13.86
N SER C 51 0.08 -12.54 13.80
CA SER C 51 -0.46 -13.61 12.94
C SER C 51 -1.91 -13.93 13.29
N TYR C 52 -2.35 -13.58 14.51
CA TYR C 52 -3.76 -13.72 14.91
C TYR C 52 -4.44 -12.35 14.84
N ALA C 53 -3.90 -11.37 15.56
CA ALA C 53 -4.43 -10.01 15.70
C ALA C 53 -4.74 -9.22 14.43
N ASN C 54 -3.92 -9.40 13.36
CA ASN C 54 -3.99 -8.69 12.07
C ASN C 54 -4.51 -9.59 10.92
N ALA C 55 -5.00 -10.78 11.24
CA ALA C 55 -5.58 -11.70 10.27
C ALA C 55 -7.03 -11.26 10.07
N ASN C 56 -7.67 -11.69 9.00
CA ASN C 56 -9.06 -11.29 8.78
C ASN C 56 -10.04 -12.05 9.69
N LYS C 57 -11.33 -11.60 9.78
CA LYS C 57 -12.37 -12.22 10.63
C LYS C 57 -12.38 -13.76 10.48
N GLU C 58 -12.48 -14.22 9.23
CA GLU C 58 -12.53 -15.61 8.81
C GLU C 58 -11.39 -16.48 9.37
N CYS C 59 -10.13 -16.03 9.25
CA CYS C 59 -8.95 -16.76 9.74
C CYS C 59 -8.75 -16.64 11.27
N GLN C 60 -9.16 -15.50 11.86
CA GLN C 60 -9.19 -15.28 13.30
C GLN C 60 -10.19 -16.27 13.90
N GLN C 61 -11.35 -16.50 13.22
CA GLN C 61 -12.38 -17.45 13.65
C GLN C 61 -11.88 -18.88 13.66
N ILE C 62 -11.05 -19.26 12.65
CA ILE C 62 -10.44 -20.61 12.53
C ILE C 62 -9.47 -20.83 13.73
N LEU C 63 -8.55 -19.87 13.96
CA LEU C 63 -7.57 -19.88 15.04
C LEU C 63 -8.20 -19.90 16.44
N GLN C 64 -9.39 -19.26 16.63
CA GLN C 64 -10.14 -19.24 17.90
C GLN C 64 -10.80 -20.59 18.16
N GLY C 65 -11.46 -21.15 17.14
CA GLY C 65 -12.15 -22.43 17.23
C GLY C 65 -11.20 -23.60 17.48
N ARG C 66 -10.02 -23.55 16.86
CA ARG C 66 -8.98 -24.57 17.00
C ARG C 66 -8.09 -24.31 18.19
N GLY C 67 -8.36 -23.23 18.92
CA GLY C 67 -7.58 -22.81 20.09
C GLY C 67 -6.11 -22.60 19.77
N LEU C 68 -5.84 -21.97 18.61
CA LEU C 68 -4.51 -21.69 18.07
C LEU C 68 -4.18 -20.19 18.02
N VAL C 69 -4.91 -19.37 18.82
CA VAL C 69 -4.73 -17.92 18.90
C VAL C 69 -3.26 -17.55 19.25
N ALA C 70 -2.65 -18.31 20.16
CA ALA C 70 -1.26 -18.13 20.63
C ALA C 70 -0.28 -19.24 20.16
N ALA C 71 -0.72 -20.14 19.26
CA ALA C 71 0.10 -21.22 18.70
C ALA C 71 1.20 -20.67 17.80
N PRO C 72 2.36 -21.37 17.65
CA PRO C 72 3.40 -20.87 16.72
C PRO C 72 2.87 -20.76 15.29
N VAL C 73 3.32 -19.74 14.57
CA VAL C 73 2.89 -19.45 13.18
C VAL C 73 2.74 -20.68 12.23
N GLY C 74 3.62 -21.67 12.36
CA GLY C 74 3.56 -22.90 11.57
C GLY C 74 2.27 -23.69 11.74
N GLN C 75 1.74 -23.73 12.98
CA GLN C 75 0.49 -24.41 13.32
C GLN C 75 -0.69 -23.59 12.80
N LYS C 76 -0.56 -22.25 12.86
CA LYS C 76 -1.55 -21.31 12.35
C LYS C 76 -1.69 -21.47 10.80
N LEU C 77 -0.53 -21.65 10.08
CA LEU C 77 -0.45 -21.88 8.61
C LEU C 77 -1.18 -23.18 8.25
N GLN C 78 -0.90 -24.26 9.01
CA GLN C 78 -1.52 -25.57 8.88
C GLN C 78 -3.06 -25.46 9.02
N ALA C 79 -3.53 -24.69 10.03
CA ALA C 79 -4.95 -24.49 10.29
C ALA C 79 -5.69 -23.69 9.23
N CYS C 80 -5.05 -22.65 8.67
CA CYS C 80 -5.64 -21.75 7.69
C CYS C 80 -5.37 -22.08 6.22
N ALA C 81 -4.63 -23.18 5.98
CA ALA C 81 -4.25 -23.69 4.66
C ALA C 81 -5.45 -23.95 3.73
N HIS C 82 -6.62 -24.29 4.31
CA HIS C 82 -7.88 -24.64 3.63
C HIS C 82 -8.86 -23.47 3.51
N TRP C 83 -8.48 -22.29 4.03
CA TRP C 83 -9.33 -21.11 3.92
C TRP C 83 -9.20 -20.51 2.51
N ALA C 84 -10.36 -20.40 1.84
CA ALA C 84 -10.53 -19.80 0.52
C ALA C 84 -11.70 -18.77 0.56
N PRO C 85 -11.50 -17.47 0.21
CA PRO C 85 -12.65 -16.53 0.24
C PRO C 85 -13.68 -16.79 -0.87
#